data_7BTU
#
_entry.id   7BTU
#
_cell.length_a   56.903
_cell.length_b   70.723
_cell.length_c   127.773
_cell.angle_alpha   90.000
_cell.angle_beta   90.000
_cell.angle_gamma   90.000
#
_symmetry.space_group_name_H-M   'P 21 21 21'
#
loop_
_entity.id
_entity.type
_entity.pdbx_description
1 polymer 'Putative tRNA (Adenine(37)-N6)-methyltransferase'
2 water water
#
_entity_poly.entity_id   1
_entity_poly.type   'polypeptide(L)'
_entity_poly.pdbx_seq_one_letter_code
;GSEFELMTHSVSPIGYIRSCFMEKFAIPRQPLLAPAARGTLELLPPFDQVEALEGLEQVSHVWLLFLFHQALEDKPRLKV
RPPRLGGNRSLGVFATRATHRPNGIGQSVVRLEGFEAGRLWLSGIDLLDGTPVLDIKPYVPYADAVADARNGIADAPPPG
IAVEWSEQARRQAHEHGQRLRQPVAELIEQCLAQDPRPAYQKPEPGRRYGVRLWDLDVHWHYPRPDLIRVLDVAGGD
;
_entity_poly.pdbx_strand_id   A,B
#
# COMPACT_ATOMS: atom_id res chain seq x y z
N GLU A 3 -5.90 -27.07 14.00
CA GLU A 3 -5.14 -26.01 14.67
C GLU A 3 -3.73 -25.82 14.07
N PHE A 4 -3.16 -26.89 13.47
CA PHE A 4 -1.74 -26.93 13.12
C PHE A 4 -1.49 -27.08 11.62
N GLU A 5 -2.52 -26.82 10.80
CA GLU A 5 -2.45 -26.83 9.32
C GLU A 5 -2.51 -25.41 8.80
N LEU A 6 -1.47 -24.97 8.08
CA LEU A 6 -1.44 -23.60 7.59
C LEU A 6 -2.56 -23.39 6.58
N MET A 7 -3.37 -22.35 6.82
CA MET A 7 -4.39 -21.86 5.91
C MET A 7 -3.79 -21.51 4.56
N THR A 8 -4.52 -21.80 3.48
CA THR A 8 -4.14 -21.37 2.14
C THR A 8 -5.30 -20.58 1.54
N HIS A 9 -4.96 -19.72 0.59
CA HIS A 9 -5.88 -18.85 -0.12
C HIS A 9 -5.39 -18.71 -1.56
N SER A 10 -6.23 -18.99 -2.55
CA SER A 10 -5.83 -18.84 -3.94
C SER A 10 -6.21 -17.46 -4.47
N VAL A 11 -5.28 -16.86 -5.20
CA VAL A 11 -5.51 -15.61 -5.91
C VAL A 11 -5.28 -15.85 -7.40
N SER A 12 -5.96 -15.05 -8.23
CA SER A 12 -5.87 -15.11 -9.68
C SER A 12 -5.87 -13.68 -10.17
N PRO A 13 -5.11 -13.40 -11.22
CA PRO A 13 -5.00 -12.01 -11.68
C PRO A 13 -6.34 -11.52 -12.21
N ILE A 14 -6.63 -10.25 -11.95
CA ILE A 14 -7.72 -9.57 -12.67
C ILE A 14 -7.26 -8.99 -14.02
N GLY A 15 -5.96 -8.98 -14.30
CA GLY A 15 -5.47 -8.41 -15.55
C GLY A 15 -3.94 -8.48 -15.56
N TYR A 16 -3.36 -8.01 -16.66
CA TYR A 16 -1.92 -8.06 -16.88
C TYR A 16 -1.42 -6.70 -17.37
N ILE A 17 -0.24 -6.34 -16.92
CA ILE A 17 0.37 -5.06 -17.29
C ILE A 17 1.01 -5.20 -18.66
N ARG A 18 0.79 -4.21 -19.53
CA ARG A 18 1.67 -3.93 -20.66
C ARG A 18 2.56 -2.72 -20.32
N SER A 19 3.88 -2.91 -20.38
CA SER A 19 4.79 -1.91 -19.84
C SER A 19 5.90 -1.60 -20.83
N CYS A 20 6.53 -0.44 -20.61
CA CYS A 20 7.79 -0.08 -21.24
C CYS A 20 8.94 -0.98 -20.77
N PHE A 21 8.87 -1.51 -19.55
CA PHE A 21 10.03 -2.19 -18.94
C PHE A 21 9.98 -3.68 -19.25
N MET A 22 11.09 -4.18 -19.82
CA MET A 22 11.23 -5.61 -20.15
C MET A 22 12.19 -6.33 -19.22
N GLU A 23 13.01 -5.59 -18.49
CA GLU A 23 14.01 -6.17 -17.63
C GLU A 23 14.10 -5.34 -16.37
N LYS A 24 14.66 -5.96 -15.32
CA LYS A 24 14.76 -5.32 -14.01
C LYS A 24 15.78 -4.19 -13.99
N PHE A 25 16.87 -4.32 -14.74
CA PHE A 25 17.93 -3.32 -14.67
C PHE A 25 17.40 -1.96 -15.09
N ALA A 26 17.73 -0.94 -14.33
CA ALA A 26 17.48 0.49 -14.66
C ALA A 26 16.03 0.92 -14.40
N ILE A 27 15.16 0.01 -13.94
CA ILE A 27 13.82 0.45 -13.58
C ILE A 27 13.97 1.51 -12.49
N PRO A 28 13.37 2.68 -12.63
CA PRO A 28 13.61 3.76 -11.66
C PRO A 28 13.17 3.37 -10.26
N ARG A 29 14.04 3.64 -9.29
CA ARG A 29 13.72 3.47 -7.87
C ARG A 29 12.74 4.54 -7.38
N GLN A 30 12.61 5.65 -8.11
CA GLN A 30 11.63 6.70 -7.78
C GLN A 30 10.72 6.86 -8.98
N PRO A 31 9.86 5.85 -9.27
CA PRO A 31 9.13 5.85 -10.54
C PRO A 31 8.15 7.00 -10.70
N LEU A 32 7.70 7.60 -9.59
CA LEU A 32 6.78 8.71 -9.78
C LEU A 32 7.48 9.93 -10.33
N LEU A 33 8.81 9.98 -10.32
CA LEU A 33 9.56 11.00 -11.05
C LEU A 33 9.93 10.57 -12.48
N ALA A 34 9.42 9.45 -12.95
CA ALA A 34 9.54 9.05 -14.34
C ALA A 34 8.14 9.01 -14.96
N PRO A 35 7.53 10.17 -15.24
CA PRO A 35 6.18 10.16 -15.84
C PRO A 35 6.14 9.54 -17.24
N ALA A 36 7.27 9.50 -17.95
CA ALA A 36 7.25 8.87 -19.25
C ALA A 36 7.24 7.35 -19.15
N ALA A 37 7.35 6.80 -17.95
CA ALA A 37 7.27 5.35 -17.78
C ALA A 37 5.79 5.00 -17.81
N ARG A 38 5.30 4.64 -18.99
CA ARG A 38 3.89 4.46 -19.26
C ARG A 38 3.56 2.98 -19.44
N GLY A 39 2.31 2.66 -19.17
CA GLY A 39 1.86 1.31 -19.46
C GLY A 39 0.35 1.24 -19.35
N THR A 40 -0.17 0.05 -19.61
CA THR A 40 -1.61 -0.16 -19.44
C THR A 40 -1.85 -1.41 -18.60
N LEU A 41 -2.99 -1.45 -17.97
CA LEU A 41 -3.46 -2.66 -17.29
C LEU A 41 -4.63 -3.19 -18.09
N GLU A 42 -4.45 -4.35 -18.70
CA GLU A 42 -5.48 -4.97 -19.54
C GLU A 42 -6.25 -5.93 -18.65
N LEU A 43 -7.53 -5.63 -18.42
CA LEU A 43 -8.38 -6.37 -17.49
C LEU A 43 -9.06 -7.52 -18.20
N LEU A 44 -9.22 -8.67 -17.47
CA LEU A 44 -9.89 -9.90 -17.88
C LEU A 44 -11.34 -9.87 -17.41
N PRO A 45 -12.27 -10.48 -18.15
CA PRO A 45 -13.62 -10.62 -17.63
C PRO A 45 -13.63 -11.45 -16.37
N PRO A 46 -14.53 -11.12 -15.42
CA PRO A 46 -15.57 -10.08 -15.55
C PRO A 46 -15.08 -8.69 -15.11
N PHE A 47 -13.77 -8.56 -14.90
CA PHE A 47 -13.22 -7.34 -14.31
C PHE A 47 -13.00 -6.27 -15.36
N ASP A 48 -13.34 -6.58 -16.62
CA ASP A 48 -13.23 -5.64 -17.71
C ASP A 48 -14.53 -4.89 -17.91
N GLN A 49 -15.49 -5.06 -17.04
CA GLN A 49 -16.75 -4.38 -17.24
C GLN A 49 -16.58 -2.96 -16.67
N VAL A 50 -17.17 -1.97 -17.35
CA VAL A 50 -16.92 -0.57 -17.00
C VAL A 50 -17.48 -0.23 -15.61
N GLU A 51 -18.48 -0.97 -15.13
CA GLU A 51 -19.04 -0.70 -13.81
C GLU A 51 -18.00 -0.90 -12.71
N ALA A 52 -16.99 -1.74 -12.95
CA ALA A 52 -16.01 -1.99 -11.89
C ALA A 52 -15.12 -0.79 -11.60
N LEU A 53 -15.11 0.21 -12.49
CA LEU A 53 -14.21 1.34 -12.44
C LEU A 53 -14.89 2.65 -12.09
N GLU A 54 -16.21 2.64 -11.96
CA GLU A 54 -17.02 3.85 -11.81
C GLU A 54 -16.56 4.64 -10.61
N GLY A 55 -16.21 5.89 -10.83
CA GLY A 55 -15.65 6.72 -9.77
C GLY A 55 -14.16 6.96 -9.90
N LEU A 56 -13.42 6.12 -10.62
CA LEU A 56 -11.99 6.38 -10.78
C LEU A 56 -11.73 7.65 -11.57
N GLU A 57 -12.73 8.21 -12.25
CA GLU A 57 -12.53 9.50 -12.90
C GLU A 57 -12.16 10.60 -11.89
N GLN A 58 -12.48 10.40 -10.63
CA GLN A 58 -12.16 11.38 -9.59
C GLN A 58 -10.86 11.05 -8.87
N VAL A 59 -10.08 10.07 -9.32
CA VAL A 59 -8.96 9.54 -8.55
C VAL A 59 -7.68 9.66 -9.37
N SER A 60 -6.67 10.35 -8.83
CA SER A 60 -5.49 10.66 -9.65
C SER A 60 -4.49 9.52 -9.65
N HIS A 61 -4.45 8.73 -8.57
CA HIS A 61 -3.44 7.67 -8.38
C HIS A 61 -4.11 6.40 -7.84
N VAL A 62 -3.58 5.21 -8.19
CA VAL A 62 -4.13 3.97 -7.68
C VAL A 62 -3.00 3.12 -7.14
N TRP A 63 -3.31 2.30 -6.13
CA TRP A 63 -2.48 1.18 -5.70
C TRP A 63 -2.75 -0.01 -6.58
N LEU A 64 -1.69 -0.68 -7.02
CA LEU A 64 -1.82 -1.97 -7.68
C LEU A 64 -1.22 -3.02 -6.77
N LEU A 65 -1.96 -4.08 -6.50
CA LEU A 65 -1.37 -5.28 -5.92
C LEU A 65 -1.06 -6.23 -7.07
N PHE A 66 0.11 -6.85 -7.04
CA PHE A 66 0.53 -7.62 -8.20
C PHE A 66 1.37 -8.82 -7.77
N LEU A 67 1.58 -9.75 -8.71
CA LEU A 67 2.44 -10.89 -8.45
C LEU A 67 3.86 -10.56 -8.97
N PHE A 68 4.88 -10.74 -8.12
CA PHE A 68 6.22 -10.65 -8.68
C PHE A 68 6.41 -11.86 -9.60
N HIS A 69 6.08 -11.77 -10.88
CA HIS A 69 5.91 -13.00 -11.65
C HIS A 69 7.25 -13.65 -12.02
N GLN A 70 8.35 -12.90 -12.02
CA GLN A 70 9.64 -13.55 -12.07
C GLN A 70 10.02 -14.18 -10.72
N ALA A 71 9.08 -14.24 -9.78
CA ALA A 71 9.26 -14.85 -8.46
C ALA A 71 10.38 -14.17 -7.70
N PRO A 76 14.03 -16.43 1.37
CA PRO A 76 15.11 -16.21 2.32
C PRO A 76 14.71 -15.15 3.35
N ARG A 77 14.58 -15.57 4.61
CA ARG A 77 14.33 -14.65 5.72
C ARG A 77 15.38 -13.53 5.72
N SER A 90 18.42 -3.20 6.67
CA SER A 90 17.84 -3.52 5.37
C SER A 90 18.08 -4.94 5.01
N LEU A 91 18.41 -5.77 5.99
CA LEU A 91 18.77 -7.12 5.59
C LEU A 91 17.67 -8.15 5.86
N GLY A 92 16.88 -8.05 6.92
CA GLY A 92 15.73 -8.94 7.04
C GLY A 92 14.69 -8.66 5.94
N VAL A 93 14.02 -9.72 5.46
CA VAL A 93 13.14 -9.54 4.31
C VAL A 93 12.01 -8.56 4.63
N PHE A 94 11.53 -8.56 5.86
CA PHE A 94 10.43 -7.65 6.18
C PHE A 94 10.88 -6.20 6.38
N ALA A 95 12.18 -5.95 6.43
CA ALA A 95 12.72 -4.61 6.46
C ALA A 95 13.07 -4.07 5.07
N THR A 96 12.67 -4.78 4.02
CA THR A 96 13.01 -4.39 2.66
C THR A 96 11.76 -4.35 1.82
N ARG A 97 11.89 -3.66 0.70
CA ARG A 97 10.90 -3.64 -0.38
C ARG A 97 11.42 -4.48 -1.55
N ALA A 98 12.18 -5.53 -1.21
CA ALA A 98 12.75 -6.44 -2.19
C ALA A 98 11.65 -7.12 -2.99
N THR A 99 12.02 -7.65 -4.16
CA THR A 99 11.05 -8.29 -5.04
C THR A 99 10.79 -9.76 -4.68
N HIS A 100 11.66 -10.39 -3.89
CA HIS A 100 11.45 -11.76 -3.42
C HIS A 100 10.87 -11.66 -2.01
N ARG A 101 9.55 -11.90 -1.89
CA ARG A 101 8.77 -11.78 -0.64
C ARG A 101 8.07 -13.11 -0.41
N PRO A 102 7.87 -13.47 0.86
CA PRO A 102 7.34 -14.81 1.17
C PRO A 102 6.10 -15.20 0.37
N ASN A 103 5.15 -14.29 0.18
CA ASN A 103 3.94 -14.65 -0.55
C ASN A 103 3.92 -14.16 -1.99
N GLY A 104 4.99 -13.48 -2.43
CA GLY A 104 5.14 -13.15 -3.83
C GLY A 104 4.21 -12.05 -4.30
N ILE A 105 3.69 -11.24 -3.39
CA ILE A 105 2.76 -10.15 -3.73
C ILE A 105 3.45 -8.82 -3.51
N GLY A 106 3.42 -7.95 -4.53
CA GLY A 106 3.91 -6.60 -4.40
C GLY A 106 2.78 -5.58 -4.43
N GLN A 107 3.17 -4.36 -4.07
CA GLN A 107 2.26 -3.24 -4.00
C GLN A 107 2.98 -2.03 -4.58
N SER A 108 2.32 -1.26 -5.44
CA SER A 108 2.94 -0.02 -5.88
C SER A 108 1.85 1.00 -6.15
N VAL A 109 2.17 2.28 -6.04
CA VAL A 109 1.23 3.33 -6.43
C VAL A 109 1.69 3.92 -7.76
N VAL A 110 0.75 4.15 -8.68
CA VAL A 110 1.01 4.65 -10.01
C VAL A 110 0.02 5.77 -10.31
N ARG A 111 0.39 6.63 -11.24
CA ARG A 111 -0.57 7.65 -11.68
C ARG A 111 -1.56 7.04 -12.67
N LEU A 112 -2.86 7.30 -12.44
CA LEU A 112 -3.91 6.84 -13.34
C LEU A 112 -4.16 7.95 -14.36
N GLU A 113 -3.78 7.71 -15.61
CA GLU A 113 -4.01 8.74 -16.62
C GLU A 113 -5.43 8.72 -17.13
N GLY A 114 -6.08 7.58 -17.10
CA GLY A 114 -7.42 7.49 -17.64
C GLY A 114 -7.78 6.04 -17.77
N PHE A 115 -9.00 5.80 -18.25
CA PHE A 115 -9.43 4.41 -18.36
C PHE A 115 -10.61 4.34 -19.30
N GLU A 116 -10.92 3.13 -19.69
CA GLU A 116 -12.11 2.77 -20.43
C GLU A 116 -12.43 1.35 -20.03
N ALA A 117 -13.53 0.82 -20.55
CA ALA A 117 -13.85 -0.59 -20.33
C ALA A 117 -12.64 -1.48 -20.62
N GLY A 118 -12.20 -2.21 -19.61
CA GLY A 118 -11.16 -3.20 -19.82
C GLY A 118 -9.74 -2.69 -19.85
N ARG A 119 -9.49 -1.40 -19.57
CA ARG A 119 -8.10 -0.95 -19.68
C ARG A 119 -7.90 0.29 -18.84
N LEU A 120 -6.81 0.31 -18.04
CA LEU A 120 -6.34 1.49 -17.35
C LEU A 120 -5.08 1.97 -18.04
N TRP A 121 -4.96 3.29 -18.23
CA TRP A 121 -3.72 3.89 -18.71
C TRP A 121 -2.96 4.46 -17.51
N LEU A 122 -1.70 4.07 -17.35
CA LEU A 122 -0.88 4.36 -16.16
C LEU A 122 0.37 5.12 -16.54
N SER A 123 0.91 5.89 -15.59
CA SER A 123 2.23 6.51 -15.78
C SER A 123 2.97 6.50 -14.46
N GLY A 124 4.30 6.70 -14.56
CA GLY A 124 5.13 6.56 -13.38
C GLY A 124 5.19 5.16 -12.83
N ILE A 125 5.15 4.17 -13.68
CA ILE A 125 5.12 2.79 -13.20
C ILE A 125 6.52 2.25 -13.04
N ASP A 126 6.63 1.15 -12.25
CA ASP A 126 7.88 0.41 -12.18
C ASP A 126 7.67 -1.08 -12.39
N LEU A 127 6.61 -1.46 -13.09
CA LEU A 127 6.26 -2.87 -13.24
C LEU A 127 6.76 -3.40 -14.57
N LEU A 128 7.21 -4.65 -14.56
CA LEU A 128 7.62 -5.36 -15.76
C LEU A 128 6.45 -5.66 -16.66
N ASP A 129 6.73 -5.64 -17.96
CA ASP A 129 5.75 -6.07 -18.95
C ASP A 129 5.27 -7.49 -18.64
N GLY A 130 3.96 -7.71 -18.73
CA GLY A 130 3.39 -9.00 -18.39
C GLY A 130 3.07 -9.20 -16.91
N THR A 131 3.32 -8.21 -16.04
CA THR A 131 3.06 -8.41 -14.61
C THR A 131 1.59 -8.70 -14.36
N PRO A 132 1.25 -9.80 -13.66
CA PRO A 132 -0.17 -10.08 -13.30
C PRO A 132 -0.59 -9.19 -12.14
N VAL A 133 -1.78 -8.59 -12.26
CA VAL A 133 -2.29 -7.69 -11.24
C VAL A 133 -3.45 -8.38 -10.56
N LEU A 134 -3.51 -8.28 -9.22
CA LEU A 134 -4.52 -8.89 -8.38
C LEU A 134 -5.61 -7.91 -7.95
N ASP A 135 -5.29 -6.63 -7.86
CA ASP A 135 -6.25 -5.68 -7.28
C ASP A 135 -5.82 -4.28 -7.68
N ILE A 136 -6.81 -3.41 -7.69
CA ILE A 136 -6.69 -1.98 -7.89
C ILE A 136 -7.40 -1.31 -6.71
N LYS A 137 -6.75 -0.33 -6.08
CA LYS A 137 -7.37 0.45 -5.01
C LYS A 137 -7.10 1.92 -5.27
N PRO A 138 -8.07 2.82 -5.03
CA PRO A 138 -7.77 4.26 -5.13
C PRO A 138 -6.76 4.67 -4.07
N TYR A 139 -5.88 5.59 -4.45
CA TYR A 139 -5.00 6.21 -3.47
C TYR A 139 -5.84 7.25 -2.70
N VAL A 140 -5.77 7.20 -1.37
CA VAL A 140 -6.59 8.11 -0.54
C VAL A 140 -5.62 8.90 0.35
N PRO A 141 -5.41 10.19 0.09
CA PRO A 141 -4.30 10.89 0.78
C PRO A 141 -4.43 10.92 2.28
N TYR A 142 -5.62 11.18 2.84
CA TYR A 142 -5.67 11.30 4.29
C TYR A 142 -5.32 9.98 4.97
N ALA A 143 -5.56 8.86 4.31
CA ALA A 143 -5.25 7.53 4.87
C ALA A 143 -3.86 7.00 4.49
N ASP A 144 -3.32 7.38 3.32
CA ASP A 144 -2.14 6.72 2.77
C ASP A 144 -0.86 7.53 2.86
N ALA A 145 -0.95 8.83 3.00
CA ALA A 145 0.21 9.73 2.98
C ALA A 145 0.62 10.02 4.41
N VAL A 146 1.70 9.39 4.85
CA VAL A 146 2.31 9.66 6.15
C VAL A 146 3.65 10.37 5.88
N ALA A 147 3.62 11.68 5.69
CA ALA A 147 4.81 12.34 5.11
C ALA A 147 6.00 12.36 6.08
N ASP A 148 5.70 12.36 7.38
CA ASP A 148 6.56 12.39 8.55
C ASP A 148 7.24 11.05 8.86
N ALA A 149 6.91 9.99 8.13
CA ALA A 149 7.35 8.65 8.54
C ALA A 149 8.88 8.56 8.42
N ARG A 150 9.48 7.69 9.22
CA ARG A 150 10.95 7.53 9.20
C ARG A 150 11.34 6.22 8.53
N ASN A 151 12.50 6.20 7.86
CA ASN A 151 12.95 4.98 7.18
C ASN A 151 14.47 4.97 7.14
N GLY A 152 15.03 3.80 6.82
CA GLY A 152 16.48 3.63 6.83
C GLY A 152 17.16 4.10 5.56
N ILE A 153 18.50 4.16 5.62
CA ILE A 153 19.26 4.65 4.48
C ILE A 153 19.08 3.76 3.24
N ALA A 154 18.73 2.48 3.41
CA ALA A 154 18.61 1.67 2.20
C ALA A 154 17.41 2.07 1.36
N ASP A 155 16.46 2.79 1.95
CA ASP A 155 15.23 3.24 1.27
C ASP A 155 15.24 4.75 0.96
N ALA A 156 16.39 5.38 1.04
CA ALA A 156 16.50 6.78 0.65
C ALA A 156 16.32 6.90 -0.86
N PRO A 157 15.78 8.01 -1.34
CA PRO A 157 15.57 8.17 -2.79
C PRO A 157 16.91 8.24 -3.53
N PRO A 158 16.93 7.92 -4.81
CA PRO A 158 18.20 8.02 -5.58
C PRO A 158 18.69 9.45 -5.66
N PRO A 159 19.97 9.68 -5.45
CA PRO A 159 20.47 11.06 -5.44
C PRO A 159 20.42 11.77 -6.78
N GLY A 160 20.60 11.06 -7.89
CA GLY A 160 20.53 11.67 -9.21
C GLY A 160 21.89 11.79 -9.88
N ILE A 161 21.90 11.78 -11.21
CA ILE A 161 23.13 11.98 -11.98
C ILE A 161 22.83 12.76 -13.26
N ALA A 162 23.80 13.55 -13.71
CA ALA A 162 23.64 14.25 -14.97
C ALA A 162 23.65 13.27 -16.16
N VAL A 163 22.86 13.62 -17.19
CA VAL A 163 22.74 12.82 -18.42
C VAL A 163 22.95 13.72 -19.62
N GLU A 164 23.89 13.38 -20.51
CA GLU A 164 24.00 14.03 -21.82
C GLU A 164 23.75 13.04 -22.96
N TRP A 165 23.55 13.57 -24.17
CA TRP A 165 23.13 12.76 -25.31
C TRP A 165 24.11 12.93 -26.45
N SER A 166 24.55 11.82 -27.06
CA SER A 166 25.12 11.92 -28.39
C SER A 166 24.07 12.48 -29.34
N GLU A 167 24.52 13.24 -30.35
CA GLU A 167 23.59 13.70 -31.37
C GLU A 167 22.89 12.52 -32.05
N GLN A 168 23.63 11.45 -32.29
CA GLN A 168 23.05 10.27 -32.91
C GLN A 168 21.94 9.67 -32.05
N ALA A 169 22.18 9.55 -30.74
CA ALA A 169 21.18 8.95 -29.88
C ALA A 169 19.95 9.86 -29.77
N ARG A 170 20.16 11.18 -29.74
CA ARG A 170 19.04 12.11 -29.71
C ARG A 170 18.14 11.92 -30.94
N ARG A 171 18.75 11.85 -32.12
CA ARG A 171 18.00 11.62 -33.34
C ARG A 171 17.29 10.27 -33.32
N GLN A 172 18.01 9.21 -32.92
CA GLN A 172 17.38 7.89 -32.86
C GLN A 172 16.21 7.81 -31.89
N ALA A 173 16.39 8.37 -30.67
CA ALA A 173 15.27 8.36 -29.73
C ALA A 173 14.06 9.05 -30.32
N HIS A 174 14.28 10.15 -31.03
CA HIS A 174 13.16 10.90 -31.61
C HIS A 174 12.45 10.06 -32.66
N GLU A 175 13.21 9.46 -33.59
CA GLU A 175 12.58 8.67 -34.63
C GLU A 175 11.86 7.45 -34.04
N HIS A 176 12.47 6.79 -33.04
CA HIS A 176 11.75 5.66 -32.44
C HIS A 176 10.55 6.11 -31.62
N GLY A 177 10.60 7.28 -30.98
CA GLY A 177 9.40 7.74 -30.29
C GLY A 177 8.25 7.99 -31.24
N GLN A 178 8.53 8.56 -32.41
CA GLN A 178 7.47 8.77 -33.39
C GLN A 178 6.90 7.45 -33.87
N ARG A 179 7.76 6.46 -34.12
CA ARG A 179 7.30 5.13 -34.56
C ARG A 179 6.43 4.46 -33.52
N LEU A 180 6.87 4.45 -32.26
CA LEU A 180 6.14 3.78 -31.20
C LEU A 180 5.00 4.62 -30.65
N ARG A 181 5.00 5.92 -30.93
CA ARG A 181 4.09 6.88 -30.30
C ARG A 181 4.20 6.77 -28.77
N GLN A 182 5.44 6.84 -28.29
CA GLN A 182 5.81 6.79 -26.88
C GLN A 182 6.86 7.87 -26.63
N PRO A 183 6.94 8.40 -25.41
CA PRO A 183 7.97 9.43 -25.06
C PRO A 183 9.33 8.81 -24.78
N VAL A 184 9.95 8.31 -25.86
CA VAL A 184 11.17 7.50 -25.72
C VAL A 184 12.32 8.32 -25.13
N ALA A 185 12.59 9.50 -25.70
CA ALA A 185 13.72 10.28 -25.22
C ALA A 185 13.53 10.66 -23.74
N GLU A 186 12.33 11.08 -23.40
CA GLU A 186 12.05 11.44 -22.00
C GLU A 186 12.20 10.23 -21.09
N LEU A 187 11.67 9.07 -21.47
CA LEU A 187 11.81 7.93 -20.58
C LEU A 187 13.29 7.59 -20.38
N ILE A 188 14.06 7.56 -21.46
CA ILE A 188 15.49 7.26 -21.32
C ILE A 188 16.15 8.24 -20.36
N GLU A 189 15.91 9.54 -20.56
CA GLU A 189 16.51 10.53 -19.67
C GLU A 189 16.03 10.33 -18.23
N GLN A 190 14.72 10.09 -18.06
CA GLN A 190 14.20 9.98 -16.68
C GLN A 190 14.73 8.73 -15.96
N CYS A 191 14.95 7.61 -16.68
CA CYS A 191 15.51 6.42 -16.04
C CYS A 191 16.99 6.63 -15.75
N LEU A 192 17.74 7.17 -16.73
CA LEU A 192 19.18 7.29 -16.56
C LEU A 192 19.53 8.36 -15.51
N ALA A 193 18.72 9.43 -15.40
CA ALA A 193 18.99 10.43 -14.37
C ALA A 193 18.94 9.89 -12.95
N GLN A 194 18.28 8.75 -12.71
CA GLN A 194 18.26 8.22 -11.35
C GLN A 194 19.47 7.33 -11.07
N ASP A 195 20.33 7.12 -12.08
CA ASP A 195 21.63 6.43 -11.97
C ASP A 195 21.34 4.95 -11.70
N PRO A 196 21.13 4.18 -12.77
CA PRO A 196 20.85 2.75 -12.67
C PRO A 196 21.98 1.91 -12.07
N ARG A 197 23.19 2.45 -11.94
CA ARG A 197 24.30 1.89 -11.16
C ARG A 197 23.89 0.92 -10.06
N PRO A 203 32.20 3.12 -12.10
CA PRO A 203 31.55 2.21 -13.03
C PRO A 203 32.31 2.05 -14.35
N GLU A 204 33.45 2.76 -14.52
CA GLU A 204 34.52 2.52 -15.50
C GLU A 204 34.15 3.05 -16.89
N PRO A 205 34.96 3.97 -17.41
CA PRO A 205 34.55 4.69 -18.63
C PRO A 205 34.49 3.82 -19.86
N GLY A 206 35.30 2.81 -19.96
CA GLY A 206 35.17 2.06 -21.20
C GLY A 206 34.04 1.07 -21.27
N ARG A 207 33.31 0.82 -20.18
CA ARG A 207 32.25 -0.17 -20.21
C ARG A 207 30.98 0.42 -20.79
N ARG A 208 30.24 -0.37 -21.59
CA ARG A 208 28.95 0.06 -22.11
C ARG A 208 27.82 -0.68 -21.40
N TYR A 209 26.77 0.06 -21.02
CA TYR A 209 25.62 -0.50 -20.35
C TYR A 209 24.40 -0.23 -21.20
N GLY A 210 23.42 -1.12 -21.09
CA GLY A 210 22.26 -0.93 -21.92
C GLY A 210 21.01 -1.44 -21.21
N VAL A 211 19.86 -1.10 -21.79
CA VAL A 211 18.61 -1.64 -21.26
C VAL A 211 17.58 -1.67 -22.37
N ARG A 212 16.61 -2.55 -22.20
CA ARG A 212 15.46 -2.63 -23.10
C ARG A 212 14.41 -1.64 -22.64
N LEU A 213 13.79 -0.95 -23.61
CA LEU A 213 12.59 -0.18 -23.33
C LEU A 213 11.67 -0.40 -24.52
N TRP A 214 10.41 -0.81 -24.26
CA TRP A 214 9.51 -1.22 -25.38
C TRP A 214 10.30 -2.20 -26.25
N ASP A 215 10.42 -1.98 -27.56
CA ASP A 215 11.15 -2.89 -28.45
C ASP A 215 12.57 -2.36 -28.77
N LEU A 216 13.12 -1.50 -27.92
CA LEU A 216 14.37 -0.83 -28.15
C LEU A 216 15.46 -1.43 -27.27
N ASP A 217 16.69 -1.26 -27.72
CA ASP A 217 17.83 -1.46 -26.85
C ASP A 217 18.58 -0.14 -26.81
N VAL A 218 18.79 0.37 -25.60
CA VAL A 218 19.39 1.69 -25.40
C VAL A 218 20.75 1.48 -24.77
N HIS A 219 21.77 2.12 -25.29
CA HIS A 219 23.10 1.98 -24.74
C HIS A 219 23.68 3.31 -24.33
N TRP A 220 24.52 3.25 -23.28
CA TRP A 220 25.17 4.42 -22.70
C TRP A 220 26.48 4.01 -22.03
N HIS A 221 27.22 5.04 -21.62
CA HIS A 221 28.40 4.82 -20.79
C HIS A 221 28.56 6.00 -19.84
N TYR A 222 29.57 5.90 -18.98
CA TYR A 222 29.95 6.93 -18.01
C TYR A 222 31.25 7.58 -18.47
N PRO A 223 31.22 8.68 -19.20
CA PRO A 223 32.49 9.36 -19.52
C PRO A 223 33.19 9.89 -18.26
N ARG A 224 32.42 10.19 -17.22
CA ARG A 224 32.90 10.64 -15.92
C ARG A 224 32.08 9.92 -14.87
N PRO A 225 32.61 9.80 -13.65
CA PRO A 225 31.80 9.19 -12.57
C PRO A 225 30.49 9.93 -12.32
N ASP A 226 30.40 11.22 -12.69
CA ASP A 226 29.21 12.02 -12.43
C ASP A 226 28.45 12.34 -13.73
N LEU A 227 28.60 11.54 -14.77
CA LEU A 227 27.94 11.88 -16.02
C LEU A 227 27.67 10.61 -16.83
N ILE A 228 26.42 10.46 -17.27
CA ILE A 228 26.06 9.41 -18.21
C ILE A 228 25.90 10.06 -19.58
N ARG A 229 26.38 9.39 -20.63
CA ARG A 229 26.18 9.87 -21.99
C ARG A 229 25.47 8.78 -22.77
N VAL A 230 24.32 9.12 -23.40
CA VAL A 230 23.57 8.15 -24.20
C VAL A 230 24.22 7.97 -25.56
N LEU A 231 24.51 6.72 -25.92
CA LEU A 231 25.26 6.43 -27.13
C LEU A 231 24.39 5.97 -28.30
N ASP A 232 23.36 5.17 -28.07
CA ASP A 232 22.70 4.54 -29.19
C ASP A 232 21.30 4.10 -28.77
N VAL A 233 20.37 4.16 -29.71
CA VAL A 233 19.00 3.68 -29.48
C VAL A 233 18.69 2.85 -30.72
N ALA A 234 18.50 1.54 -30.54
CA ALA A 234 18.33 0.60 -31.64
C ALA A 234 17.05 -0.17 -31.48
N GLY A 235 16.39 -0.49 -32.58
CA GLY A 235 15.23 -1.34 -32.49
C GLY A 235 14.43 -1.27 -33.76
N GLY A 236 13.24 -1.88 -33.72
CA GLY A 236 12.42 -1.92 -34.91
C GLY A 236 11.50 -3.11 -35.04
N PHE B 4 -10.89 -22.64 -14.43
CA PHE B 4 -10.78 -22.04 -15.76
C PHE B 4 -9.86 -20.80 -15.80
N GLU B 5 -9.44 -20.29 -14.63
CA GLU B 5 -8.53 -19.15 -14.61
C GLU B 5 -7.19 -19.53 -15.24
N LEU B 6 -6.62 -18.60 -16.00
CA LEU B 6 -5.37 -18.89 -16.69
C LEU B 6 -4.22 -19.02 -15.70
N MET B 7 -4.33 -18.37 -14.54
CA MET B 7 -3.25 -18.44 -13.57
C MET B 7 -3.81 -18.40 -12.15
N THR B 8 -3.26 -19.22 -11.27
CA THR B 8 -3.60 -19.18 -9.84
C THR B 8 -2.32 -19.22 -9.01
N HIS B 9 -2.38 -18.62 -7.81
CA HIS B 9 -1.21 -18.53 -6.94
C HIS B 9 -1.68 -18.71 -5.51
N SER B 10 -1.02 -19.55 -4.74
CA SER B 10 -1.42 -19.84 -3.37
C SER B 10 -0.64 -18.96 -2.41
N VAL B 11 -1.35 -18.33 -1.46
CA VAL B 11 -0.68 -17.58 -0.40
C VAL B 11 -1.07 -18.18 0.95
N SER B 12 -0.22 -17.94 1.95
CA SER B 12 -0.48 -18.40 3.32
C SER B 12 -0.05 -17.34 4.31
N PRO B 13 -0.75 -17.18 5.43
CA PRO B 13 -0.40 -16.10 6.36
C PRO B 13 1.01 -16.32 6.89
N ILE B 14 1.77 -15.22 7.02
CA ILE B 14 3.00 -15.24 7.81
C ILE B 14 2.72 -15.02 9.29
N GLY B 15 1.51 -14.60 9.64
CA GLY B 15 1.19 -14.36 11.04
C GLY B 15 -0.24 -13.88 11.16
N TYR B 16 -0.66 -13.64 12.42
CA TYR B 16 -2.04 -13.27 12.72
C TYR B 16 -2.02 -12.06 13.64
N ILE B 17 -3.00 -11.18 13.44
CA ILE B 17 -3.18 -9.97 14.26
C ILE B 17 -3.89 -10.32 15.56
N ARG B 18 -3.38 -9.79 16.67
CA ARG B 18 -4.16 -9.70 17.90
C ARG B 18 -4.46 -8.22 18.06
N SER B 19 -5.73 -7.85 18.25
CA SER B 19 -5.98 -6.41 18.37
C SER B 19 -7.21 -6.10 19.20
N CYS B 20 -7.35 -4.82 19.50
CA CYS B 20 -8.52 -4.33 20.24
C CYS B 20 -9.84 -4.51 19.50
N PHE B 21 -9.84 -4.63 18.16
CA PHE B 21 -11.08 -4.45 17.39
C PHE B 21 -11.76 -5.79 17.11
N MET B 22 -13.03 -5.88 17.50
CA MET B 22 -13.82 -7.09 17.24
C MET B 22 -14.86 -6.92 16.14
N GLU B 23 -15.22 -5.68 15.78
CA GLU B 23 -16.23 -5.46 14.77
C GLU B 23 -15.78 -4.31 13.88
N LYS B 24 -16.17 -4.35 12.62
CA LYS B 24 -15.60 -3.41 11.64
C LYS B 24 -16.08 -1.99 11.86
N PHE B 25 -17.36 -1.81 12.25
CA PHE B 25 -17.86 -0.46 12.35
C PHE B 25 -17.15 0.33 13.44
N ALA B 26 -16.49 -0.32 14.39
CA ALA B 26 -15.72 0.40 15.40
C ALA B 26 -14.37 0.94 14.92
N ILE B 27 -13.89 0.44 13.81
CA ILE B 27 -12.54 0.82 13.39
C ILE B 27 -12.55 2.27 12.95
N PRO B 28 -11.65 3.12 13.47
CA PRO B 28 -11.67 4.51 13.05
C PRO B 28 -11.34 4.65 11.56
N ARG B 29 -12.00 5.61 10.95
CA ARG B 29 -11.72 5.94 9.55
C ARG B 29 -10.33 6.52 9.37
N GLN B 30 -9.77 7.13 10.43
CA GLN B 30 -8.41 7.69 10.41
C GLN B 30 -7.61 7.04 11.53
N PRO B 31 -7.23 5.77 11.34
CA PRO B 31 -6.67 5.01 12.44
C PRO B 31 -5.34 5.52 12.92
N LEU B 32 -4.55 6.19 12.08
CA LEU B 32 -3.28 6.66 12.62
C LEU B 32 -3.46 7.81 13.59
N LEU B 33 -4.64 8.43 13.63
CA LEU B 33 -4.97 9.40 14.68
C LEU B 33 -5.57 8.77 15.93
N ALA B 34 -5.57 7.43 16.03
CA ALA B 34 -5.95 6.71 17.26
C ALA B 34 -4.77 5.85 17.72
N PRO B 35 -3.73 6.47 18.26
CA PRO B 35 -2.57 5.69 18.67
C PRO B 35 -2.86 4.74 19.81
N ALA B 36 -3.94 4.96 20.60
CA ALA B 36 -4.22 3.99 21.66
C ALA B 36 -4.81 2.69 21.13
N ALA B 37 -5.12 2.61 19.83
CA ALA B 37 -5.63 1.39 19.21
C ALA B 37 -4.40 0.50 18.95
N ARG B 38 -4.15 -0.45 19.85
CA ARG B 38 -2.92 -1.22 19.81
C ARG B 38 -3.17 -2.69 19.41
N GLY B 39 -2.12 -3.31 18.90
CA GLY B 39 -2.25 -4.73 18.60
C GLY B 39 -0.88 -5.31 18.36
N THR B 40 -0.86 -6.62 18.13
CA THR B 40 0.42 -7.24 17.80
C THR B 40 0.22 -8.09 16.55
N LEU B 41 1.33 -8.32 15.84
CA LEU B 41 1.35 -9.26 14.72
C LEU B 41 2.16 -10.44 15.24
N GLU B 42 1.50 -11.57 15.47
CA GLU B 42 2.18 -12.78 15.93
C GLU B 42 2.62 -13.59 14.73
N LEU B 43 3.93 -13.75 14.57
CA LEU B 43 4.49 -14.36 13.38
C LEU B 43 4.57 -15.86 13.52
N LEU B 44 4.33 -16.57 12.42
CA LEU B 44 4.41 -18.01 12.36
C LEU B 44 5.79 -18.45 11.90
N PRO B 45 6.27 -19.62 12.29
CA PRO B 45 7.46 -20.16 11.63
C PRO B 45 7.21 -20.27 10.14
N PRO B 46 8.24 -20.08 9.31
CA PRO B 46 9.66 -19.84 9.62
C PRO B 46 10.00 -18.38 9.80
N PHE B 47 8.98 -17.52 9.93
CA PHE B 47 9.17 -16.08 10.00
C PHE B 47 9.30 -15.54 11.40
N ASP B 48 9.43 -16.42 12.40
CA ASP B 48 9.41 -16.00 13.78
C ASP B 48 10.80 -15.75 14.38
N GLN B 49 11.84 -15.77 13.57
CA GLN B 49 13.19 -15.49 14.06
C GLN B 49 13.51 -14.00 13.90
N VAL B 50 14.38 -13.47 14.77
CA VAL B 50 14.58 -12.02 14.72
C VAL B 50 15.26 -11.57 13.42
N GLU B 51 15.94 -12.46 12.71
CA GLU B 51 16.66 -12.08 11.49
C GLU B 51 15.71 -11.59 10.38
N ALA B 52 14.46 -12.03 10.41
CA ALA B 52 13.55 -11.58 9.36
C ALA B 52 13.16 -10.11 9.52
N LEU B 53 13.40 -9.55 10.69
CA LEU B 53 12.98 -8.19 11.07
C LEU B 53 14.15 -7.22 11.17
N GLU B 54 15.39 -7.71 11.06
CA GLU B 54 16.56 -6.84 11.23
C GLU B 54 16.52 -5.69 10.23
N GLY B 55 16.69 -4.46 10.72
CA GLY B 55 16.54 -3.23 9.94
C GLY B 55 15.27 -2.44 10.26
N LEU B 56 14.26 -3.10 10.82
CA LEU B 56 13.02 -2.42 11.21
C LEU B 56 13.21 -1.41 12.34
N GLU B 57 14.36 -1.40 13.01
CA GLU B 57 14.63 -0.38 14.01
C GLU B 57 14.66 1.03 13.43
N GLN B 58 14.90 1.18 12.14
CA GLN B 58 15.01 2.49 11.50
C GLN B 58 13.68 2.96 10.87
N VAL B 59 12.61 2.23 11.10
CA VAL B 59 11.37 2.38 10.34
C VAL B 59 10.25 2.69 11.33
N SER B 60 9.49 3.77 11.09
CA SER B 60 8.43 4.08 12.05
C SER B 60 7.11 3.40 11.70
N HIS B 61 6.88 3.10 10.41
CA HIS B 61 5.59 2.61 9.96
C HIS B 61 5.83 1.47 8.96
N VAL B 62 4.88 0.52 8.92
CA VAL B 62 4.98 -0.60 8.00
C VAL B 62 3.67 -0.77 7.27
N TRP B 63 3.78 -1.31 6.06
CA TRP B 63 2.64 -1.79 5.31
C TRP B 63 2.38 -3.22 5.69
N LEU B 64 1.11 -3.56 5.94
CA LEU B 64 0.69 -4.93 6.10
C LEU B 64 -0.27 -5.25 4.96
N LEU B 65 -0.01 -6.32 4.24
CA LEU B 65 -1.00 -6.91 3.35
C LEU B 65 -1.66 -8.03 4.14
N PHE B 66 -2.99 -8.13 4.00
CA PHE B 66 -3.75 -9.04 4.84
C PHE B 66 -4.95 -9.54 4.07
N LEU B 67 -5.58 -10.55 4.65
CA LEU B 67 -6.74 -11.17 4.03
C LEU B 67 -7.99 -10.63 4.69
N PHE B 68 -8.95 -10.15 3.88
CA PHE B 68 -10.30 -9.86 4.39
C PHE B 68 -11.03 -11.17 4.64
N HIS B 69 -11.89 -11.18 5.65
CA HIS B 69 -12.74 -12.36 5.94
C HIS B 69 -13.94 -12.38 5.02
N GLN B 70 -13.68 -12.66 3.73
CA GLN B 70 -14.70 -12.55 2.66
C GLN B 70 -15.65 -13.76 2.56
N LYS B 75 -18.75 -12.72 -7.32
CA LYS B 75 -17.92 -11.69 -7.96
C LYS B 75 -18.52 -10.30 -7.77
N PRO B 76 -18.02 -9.56 -6.77
CA PRO B 76 -18.56 -8.24 -6.42
C PRO B 76 -17.76 -7.14 -7.14
N ARG B 77 -18.43 -6.41 -8.06
CA ARG B 77 -17.80 -5.36 -8.86
C ARG B 77 -18.38 -3.97 -8.62
N LEU B 78 -19.53 -3.86 -7.97
CA LEU B 78 -20.17 -2.57 -7.76
C LEU B 78 -20.54 -2.45 -6.29
N LYS B 79 -20.31 -1.28 -5.71
CA LYS B 79 -20.61 -1.02 -4.31
C LYS B 79 -21.70 0.03 -4.26
N VAL B 80 -22.82 -0.28 -3.59
CA VAL B 80 -23.96 0.64 -3.54
C VAL B 80 -24.18 1.19 -2.13
N SER B 90 -23.77 4.41 -7.09
CA SER B 90 -22.92 3.21 -6.89
C SER B 90 -21.51 3.32 -7.51
N LEU B 91 -20.49 3.00 -6.71
CA LEU B 91 -19.12 3.13 -7.17
C LEU B 91 -18.58 1.76 -7.58
N GLY B 92 -17.63 1.76 -8.53
CA GLY B 92 -16.94 0.53 -8.85
C GLY B 92 -16.08 0.03 -7.71
N VAL B 93 -15.98 -1.30 -7.59
CA VAL B 93 -15.22 -1.85 -6.48
C VAL B 93 -13.77 -1.34 -6.52
N PHE B 94 -13.24 -1.12 -7.72
CA PHE B 94 -11.85 -0.66 -7.85
C PHE B 94 -11.71 0.82 -7.57
N ALA B 95 -12.82 1.53 -7.38
CA ALA B 95 -12.79 2.91 -6.94
C ALA B 95 -12.93 3.04 -5.43
N THR B 96 -12.92 1.90 -4.72
CA THR B 96 -13.18 1.84 -3.29
C THR B 96 -12.16 0.96 -2.61
N ARG B 97 -12.15 1.11 -1.29
CA ARG B 97 -11.45 0.20 -0.41
C ARG B 97 -12.41 -0.77 0.26
N ALA B 98 -13.51 -1.10 -0.42
CA ALA B 98 -14.48 -2.02 0.14
C ALA B 98 -13.80 -3.34 0.48
N THR B 99 -14.36 -4.03 1.47
CA THR B 99 -13.75 -5.23 2.02
C THR B 99 -14.12 -6.50 1.26
N HIS B 100 -15.18 -6.51 0.44
CA HIS B 100 -15.53 -7.65 -0.41
C HIS B 100 -15.04 -7.28 -1.80
N ARG B 101 -13.91 -7.83 -2.22
CA ARG B 101 -13.30 -7.45 -3.49
C ARG B 101 -12.56 -8.63 -4.11
N PRO B 102 -12.30 -8.59 -5.42
CA PRO B 102 -11.57 -9.69 -6.07
C PRO B 102 -10.29 -10.01 -5.33
N ASN B 103 -10.07 -11.29 -5.08
CA ASN B 103 -8.89 -11.81 -4.39
C ASN B 103 -8.77 -11.55 -2.89
N GLY B 104 -9.60 -10.67 -2.32
CA GLY B 104 -9.73 -10.64 -0.87
C GLY B 104 -8.55 -10.08 -0.07
N ILE B 105 -7.70 -9.23 -0.67
CA ILE B 105 -6.48 -8.74 0.00
C ILE B 105 -6.64 -7.26 0.33
N GLY B 106 -6.28 -6.87 1.55
CA GLY B 106 -6.32 -5.48 1.94
C GLY B 106 -4.90 -5.02 2.23
N GLN B 107 -4.76 -3.70 2.41
CA GLN B 107 -3.45 -3.16 2.73
C GLN B 107 -3.68 -2.17 3.85
N SER B 108 -2.73 -2.09 4.78
CA SER B 108 -2.87 -1.00 5.73
C SER B 108 -1.49 -0.54 6.20
N VAL B 109 -1.39 0.75 6.51
CA VAL B 109 -0.16 1.32 7.07
C VAL B 109 -0.40 1.50 8.54
N VAL B 110 0.57 1.04 9.36
CA VAL B 110 0.40 1.04 10.80
C VAL B 110 1.70 1.52 11.40
N ARG B 111 1.60 2.12 12.57
CA ARG B 111 2.78 2.55 13.30
C ARG B 111 3.43 1.33 13.95
N LEU B 112 4.75 1.17 13.74
CA LEU B 112 5.51 0.08 14.33
C LEU B 112 6.08 0.61 15.65
N GLU B 113 5.59 0.10 16.78
CA GLU B 113 6.11 0.56 18.07
C GLU B 113 7.41 -0.13 18.41
N GLY B 114 7.61 -1.34 17.93
CA GLY B 114 8.82 -2.09 18.26
C GLY B 114 8.61 -3.54 17.86
N PHE B 115 9.64 -4.35 18.07
CA PHE B 115 9.51 -5.73 17.67
C PHE B 115 10.49 -6.60 18.45
N GLU B 116 10.23 -7.90 18.40
CA GLU B 116 11.16 -8.90 18.89
C GLU B 116 10.97 -10.10 18.00
N ALA B 117 11.77 -11.15 18.20
CA ALA B 117 11.57 -12.38 17.42
C ALA B 117 10.12 -12.83 17.47
N GLY B 118 9.49 -12.95 16.32
CA GLY B 118 8.16 -13.49 16.26
C GLY B 118 7.03 -12.53 16.58
N ARG B 119 7.31 -11.25 16.78
CA ARG B 119 6.21 -10.35 17.15
C ARG B 119 6.52 -8.90 16.78
N LEU B 120 5.55 -8.22 16.15
CA LEU B 120 5.57 -6.77 15.99
C LEU B 120 4.55 -6.17 16.94
N TRP B 121 4.93 -5.06 17.58
CA TRP B 121 4.03 -4.22 18.37
C TRP B 121 3.55 -3.05 17.53
N LEU B 122 2.23 -2.88 17.43
CA LEU B 122 1.62 -1.96 16.51
C LEU B 122 0.74 -0.96 17.27
N SER B 123 0.57 0.22 16.68
CA SER B 123 -0.35 1.21 17.25
C SER B 123 -1.01 1.94 16.11
N GLY B 124 -2.14 2.55 16.41
CA GLY B 124 -2.91 3.12 15.34
C GLY B 124 -3.45 2.05 14.42
N ILE B 125 -3.80 0.92 14.96
CA ILE B 125 -4.12 -0.24 14.12
C ILE B 125 -5.53 -0.09 13.56
N ASP B 126 -5.79 -0.69 12.38
CA ASP B 126 -7.13 -0.70 11.82
C ASP B 126 -7.56 -2.10 11.41
N LEU B 127 -6.98 -3.13 12.01
CA LEU B 127 -7.24 -4.51 11.62
C LEU B 127 -8.00 -5.23 12.72
N LEU B 128 -8.93 -6.09 12.31
CA LEU B 128 -9.67 -6.89 13.26
C LEU B 128 -8.79 -7.93 13.93
N ASP B 129 -9.13 -8.22 15.20
CA ASP B 129 -8.50 -9.31 15.93
C ASP B 129 -8.63 -10.58 15.10
N GLY B 130 -7.53 -11.33 15.00
CA GLY B 130 -7.54 -12.57 14.20
C GLY B 130 -7.20 -12.41 12.72
N THR B 131 -6.94 -11.18 12.26
CA THR B 131 -6.71 -10.97 10.85
C THR B 131 -5.47 -11.72 10.38
N PRO B 132 -5.54 -12.53 9.31
CA PRO B 132 -4.32 -13.18 8.78
C PRO B 132 -3.51 -12.17 7.97
N VAL B 133 -2.20 -12.12 8.20
CA VAL B 133 -1.33 -11.17 7.50
C VAL B 133 -0.47 -11.94 6.50
N LEU B 134 -0.31 -11.38 5.29
CA LEU B 134 0.51 -11.99 4.23
C LEU B 134 1.89 -11.38 4.07
N ASP B 135 2.09 -10.13 4.47
CA ASP B 135 3.38 -9.50 4.18
C ASP B 135 3.56 -8.32 5.13
N ILE B 136 4.82 -7.96 5.36
CA ILE B 136 5.25 -6.76 6.08
C ILE B 136 6.28 -6.08 5.18
N LYS B 137 6.17 -4.77 5.00
CA LYS B 137 7.19 -3.99 4.28
C LYS B 137 7.29 -2.61 4.94
N PRO B 138 8.46 -1.97 4.89
CA PRO B 138 8.58 -0.60 5.43
C PRO B 138 7.73 0.35 4.62
N TYR B 139 7.08 1.28 5.31
CA TYR B 139 6.49 2.44 4.68
C TYR B 139 7.61 3.45 4.38
N VAL B 140 7.65 3.94 3.15
CA VAL B 140 8.72 4.86 2.73
C VAL B 140 8.10 6.10 2.12
N PRO B 141 8.21 7.26 2.77
CA PRO B 141 7.44 8.44 2.32
C PRO B 141 7.74 8.90 0.91
N TYR B 142 9.00 8.87 0.49
CA TYR B 142 9.22 9.42 -0.83
C TYR B 142 8.45 8.61 -1.87
N ALA B 143 8.26 7.31 -1.65
CA ALA B 143 7.54 6.50 -2.61
C ALA B 143 6.04 6.42 -2.33
N ASP B 144 5.62 6.50 -1.07
CA ASP B 144 4.25 6.16 -0.67
C ASP B 144 3.40 7.38 -0.33
N ALA B 145 4.01 8.52 0.01
CA ALA B 145 3.29 9.74 0.42
C ALA B 145 3.37 10.64 -0.80
N VAL B 146 2.29 10.66 -1.56
CA VAL B 146 2.25 11.24 -2.90
C VAL B 146 1.60 12.61 -2.79
N ALA B 147 2.42 13.66 -2.77
CA ALA B 147 1.87 14.95 -2.38
C ALA B 147 0.90 15.48 -3.42
N ASP B 148 1.12 15.17 -4.69
CA ASP B 148 0.22 15.64 -5.73
C ASP B 148 -1.08 14.84 -5.87
N ALA B 149 -1.27 13.76 -5.10
CA ALA B 149 -2.44 12.89 -5.31
C ALA B 149 -3.73 13.58 -4.85
N ARG B 150 -4.80 13.33 -5.60
CA ARG B 150 -6.12 13.88 -5.35
C ARG B 150 -7.15 12.77 -5.43
N ASN B 151 -8.17 12.84 -4.58
CA ASN B 151 -9.22 11.83 -4.61
C ASN B 151 -10.53 12.51 -4.24
N GLY B 152 -11.39 12.73 -5.23
CA GLY B 152 -12.65 13.41 -4.96
C GLY B 152 -13.78 12.53 -4.49
N ILE B 153 -13.62 11.20 -4.48
CA ILE B 153 -14.74 10.39 -4.01
C ILE B 153 -14.59 9.99 -2.55
N ALA B 154 -13.37 9.98 -2.02
CA ALA B 154 -13.11 9.72 -0.61
C ALA B 154 -13.30 11.03 0.16
N ASP B 155 -14.44 11.19 0.78
CA ASP B 155 -14.63 12.33 1.69
C ASP B 155 -13.72 12.15 2.90
N ALA B 156 -12.85 13.13 3.15
CA ALA B 156 -12.06 13.11 4.38
C ALA B 156 -13.02 13.19 5.55
N PRO B 157 -12.67 12.58 6.67
CA PRO B 157 -13.62 12.44 7.77
C PRO B 157 -13.91 13.75 8.47
N PRO B 158 -15.06 13.82 9.13
CA PRO B 158 -15.46 15.02 9.92
C PRO B 158 -14.47 15.32 11.04
N PRO B 159 -14.50 16.53 11.59
CA PRO B 159 -13.46 16.95 12.56
C PRO B 159 -13.34 16.10 13.82
N GLY B 160 -14.35 15.36 14.21
CA GLY B 160 -14.12 14.53 15.40
C GLY B 160 -14.99 15.14 16.49
N ILE B 161 -15.57 14.28 17.34
CA ILE B 161 -16.62 14.66 18.27
C ILE B 161 -16.01 14.67 19.66
N ALA B 162 -16.45 15.62 20.50
CA ALA B 162 -16.03 15.63 21.89
C ALA B 162 -16.60 14.42 22.62
N VAL B 163 -15.86 13.96 23.61
CA VAL B 163 -16.21 12.81 24.42
C VAL B 163 -16.13 13.19 25.88
N GLU B 164 -17.22 13.02 26.64
CA GLU B 164 -17.17 13.14 28.10
C GLU B 164 -17.48 11.78 28.72
N TRP B 165 -17.25 11.68 30.02
CA TRP B 165 -17.26 10.42 30.78
C TRP B 165 -18.20 10.49 31.96
N SER B 166 -19.05 9.49 32.15
CA SER B 166 -19.62 9.28 33.49
C SER B 166 -18.52 8.88 34.47
N GLU B 167 -18.69 9.29 35.74
CA GLU B 167 -17.70 8.88 36.75
C GLU B 167 -17.56 7.35 36.83
N GLN B 168 -18.67 6.63 36.72
CA GLN B 168 -18.58 5.17 36.71
C GLN B 168 -17.73 4.68 35.54
N ALA B 169 -17.97 5.20 34.33
CA ALA B 169 -17.20 4.68 33.18
C ALA B 169 -15.72 4.99 33.31
N ARG B 170 -15.37 6.16 33.86
CA ARG B 170 -13.95 6.50 34.06
C ARG B 170 -13.27 5.51 34.99
N ARG B 171 -13.92 5.20 36.13
CA ARG B 171 -13.40 4.17 37.01
C ARG B 171 -13.28 2.83 36.29
N GLN B 172 -14.34 2.42 35.60
CA GLN B 172 -14.30 1.10 34.94
C GLN B 172 -13.23 1.04 33.86
N ALA B 173 -13.10 2.11 33.05
CA ALA B 173 -12.03 2.13 32.05
C ALA B 173 -10.67 1.98 32.70
N HIS B 174 -10.46 2.66 33.86
CA HIS B 174 -9.18 2.56 34.56
C HIS B 174 -8.92 1.12 34.99
N GLU B 175 -9.91 0.51 35.67
CA GLU B 175 -9.76 -0.86 36.19
C GLU B 175 -9.49 -1.85 35.06
N HIS B 176 -10.20 -1.72 33.96
CA HIS B 176 -9.98 -2.71 32.91
C HIS B 176 -8.66 -2.45 32.21
N GLY B 177 -8.24 -1.18 32.11
CA GLY B 177 -6.95 -0.88 31.53
C GLY B 177 -5.83 -1.47 32.36
N GLN B 178 -5.96 -1.39 33.69
CA GLN B 178 -4.95 -1.97 34.58
C GLN B 178 -4.90 -3.48 34.41
N ARG B 179 -6.07 -4.13 34.27
CA ARG B 179 -6.12 -5.58 34.06
C ARG B 179 -5.50 -5.98 32.71
N LEU B 180 -5.90 -5.28 31.64
CA LEU B 180 -5.50 -5.58 30.27
C LEU B 180 -4.10 -5.10 29.93
N ARG B 181 -3.54 -4.20 30.74
CA ARG B 181 -2.28 -3.51 30.41
C ARG B 181 -2.42 -2.79 29.05
N GLN B 182 -3.52 -2.07 28.90
CA GLN B 182 -3.82 -1.36 27.65
C GLN B 182 -4.35 0.02 28.01
N PRO B 183 -4.14 1.03 27.14
CA PRO B 183 -4.70 2.39 27.45
C PRO B 183 -6.18 2.48 27.10
N VAL B 184 -7.01 1.82 27.92
CA VAL B 184 -8.41 1.61 27.56
C VAL B 184 -9.16 2.94 27.48
N ALA B 185 -8.94 3.83 28.44
CA ALA B 185 -9.68 5.09 28.44
C ALA B 185 -9.35 5.89 27.18
N GLU B 186 -8.06 5.94 26.83
CA GLU B 186 -7.65 6.69 25.64
C GLU B 186 -8.19 6.04 24.38
N LEU B 187 -8.16 4.72 24.35
CA LEU B 187 -8.70 4.04 23.17
C LEU B 187 -10.17 4.37 23.01
N ILE B 188 -10.92 4.28 24.11
CA ILE B 188 -12.36 4.54 24.03
C ILE B 188 -12.59 5.95 23.50
N GLU B 189 -11.88 6.92 24.07
CA GLU B 189 -12.02 8.29 23.63
C GLU B 189 -11.67 8.45 22.16
N GLN B 190 -10.55 7.83 21.72
CA GLN B 190 -10.12 8.02 20.34
C GLN B 190 -11.07 7.34 19.37
N CYS B 191 -11.59 6.17 19.71
N CYS B 191 -11.61 6.16 19.75
CA CYS B 191 -12.56 5.55 18.83
CA CYS B 191 -12.57 5.42 18.93
C CYS B 191 -13.84 6.36 18.79
C CYS B 191 -13.90 6.17 18.82
N LEU B 192 -14.40 6.66 19.96
CA LEU B 192 -15.70 7.30 19.97
C LEU B 192 -15.67 8.63 19.26
N ALA B 193 -14.56 9.37 19.37
CA ALA B 193 -14.52 10.65 18.67
C ALA B 193 -14.75 10.52 17.17
N GLN B 194 -14.46 9.36 16.58
CA GLN B 194 -14.71 9.14 15.16
C GLN B 194 -16.03 8.40 14.85
N ASP B 195 -16.96 8.24 15.85
CA ASP B 195 -18.35 7.86 15.60
C ASP B 195 -18.65 6.41 15.21
N PRO B 196 -18.45 5.42 16.11
CA PRO B 196 -18.56 3.95 15.70
C PRO B 196 -19.91 3.21 15.80
N ARG B 197 -20.75 3.37 14.78
CA ARG B 197 -22.04 2.68 14.74
C ARG B 197 -22.35 2.26 13.29
N PRO B 198 -23.45 1.53 13.14
CA PRO B 198 -24.09 1.23 11.85
C PRO B 198 -23.22 0.31 11.03
N PRO B 203 -28.23 8.68 14.12
CA PRO B 203 -27.91 8.92 15.54
C PRO B 203 -29.20 9.36 16.21
N GLU B 204 -29.36 9.17 17.52
CA GLU B 204 -30.66 9.45 18.15
C GLU B 204 -30.45 9.79 19.63
N PRO B 205 -31.00 10.90 20.12
CA PRO B 205 -30.92 11.19 21.55
C PRO B 205 -31.46 10.04 22.40
N GLY B 206 -30.86 9.86 23.58
CA GLY B 206 -31.33 8.85 24.51
C GLY B 206 -30.92 7.41 24.23
N ARG B 207 -30.79 7.03 22.96
CA ARG B 207 -30.49 5.63 22.64
C ARG B 207 -29.11 5.24 23.16
N ARG B 208 -29.04 4.08 23.80
CA ARG B 208 -27.75 3.55 24.26
C ARG B 208 -27.10 2.72 23.13
N TYR B 209 -25.86 3.03 22.84
CA TYR B 209 -25.10 2.38 21.77
C TYR B 209 -23.99 1.59 22.44
N GLY B 210 -23.44 0.59 21.72
CA GLY B 210 -22.36 -0.18 22.30
C GLY B 210 -21.34 -0.56 21.24
N VAL B 211 -20.13 -0.83 21.73
CA VAL B 211 -19.06 -1.29 20.87
C VAL B 211 -18.17 -2.18 21.74
N ARG B 212 -17.59 -3.16 21.10
CA ARG B 212 -16.67 -4.08 21.78
C ARG B 212 -15.24 -3.59 21.55
N LEU B 213 -14.43 -3.61 22.61
CA LEU B 213 -12.99 -3.33 22.49
C LEU B 213 -12.24 -4.28 23.42
N TRP B 214 -11.18 -4.96 22.93
CA TRP B 214 -10.54 -6.03 23.70
C TRP B 214 -11.65 -6.98 24.16
N ASP B 215 -11.76 -7.31 25.45
CA ASP B 215 -12.81 -8.19 25.95
C ASP B 215 -13.91 -7.38 26.66
N LEU B 216 -14.06 -6.11 26.28
CA LEU B 216 -14.98 -5.19 26.96
C LEU B 216 -16.19 -4.87 26.10
N ASP B 217 -17.31 -4.51 26.75
CA ASP B 217 -18.46 -3.87 26.12
C ASP B 217 -18.51 -2.43 26.65
N VAL B 218 -18.50 -1.46 25.76
CA VAL B 218 -18.45 -0.04 26.10
C VAL B 218 -19.79 0.53 25.65
N HIS B 219 -20.48 1.24 26.53
CA HIS B 219 -21.77 1.80 26.16
C HIS B 219 -21.69 3.31 26.24
N TRP B 220 -22.40 3.97 25.31
CA TRP B 220 -22.39 5.42 25.23
C TRP B 220 -23.71 5.94 24.67
N HIS B 221 -23.90 7.27 24.79
CA HIS B 221 -25.04 7.90 24.13
C HIS B 221 -24.62 9.33 23.69
N TYR B 222 -25.50 10.02 22.98
CA TYR B 222 -25.26 11.36 22.47
C TYR B 222 -26.06 12.36 23.29
N PRO B 223 -25.48 13.03 24.28
CA PRO B 223 -26.28 14.07 25.02
C PRO B 223 -26.69 15.23 24.12
N ARG B 224 -25.89 15.51 23.09
CA ARG B 224 -26.14 16.54 22.09
C ARG B 224 -25.59 15.97 20.79
N PRO B 225 -26.02 16.49 19.63
CA PRO B 225 -25.47 15.97 18.36
C PRO B 225 -23.95 16.02 18.28
N ASP B 226 -23.29 16.91 19.03
CA ASP B 226 -21.83 17.05 18.93
C ASP B 226 -21.11 16.58 20.20
N LEU B 227 -21.72 15.70 20.97
CA LEU B 227 -21.08 15.25 22.19
C LEU B 227 -21.46 13.80 22.45
N ILE B 228 -20.46 13.00 22.75
CA ILE B 228 -20.64 11.63 23.18
C ILE B 228 -20.33 11.53 24.66
N ARG B 229 -21.12 10.74 25.37
CA ARG B 229 -20.89 10.49 26.78
C ARG B 229 -20.72 9.01 26.99
N VAL B 230 -19.58 8.59 27.61
CA VAL B 230 -19.37 7.18 27.89
C VAL B 230 -20.16 6.84 29.14
N LEU B 231 -20.99 5.79 29.06
CA LEU B 231 -21.86 5.46 30.18
C LEU B 231 -21.21 4.40 31.08
N ASP B 232 -20.64 3.36 30.50
CA ASP B 232 -20.11 2.25 31.32
C ASP B 232 -19.15 1.44 30.45
N VAL B 233 -18.32 0.66 31.13
CA VAL B 233 -17.30 -0.20 30.50
C VAL B 233 -17.38 -1.50 31.28
N ALA B 234 -17.81 -2.57 30.64
CA ALA B 234 -18.00 -3.82 31.35
C ALA B 234 -17.21 -4.93 30.67
N GLY B 235 -16.76 -5.93 31.44
CA GLY B 235 -16.13 -7.09 30.81
C GLY B 235 -15.32 -8.05 31.67
#